data_4U54
#
_entry.id   4U54
#
_cell.length_a   78.424
_cell.length_b   91.298
_cell.length_c   98.816
_cell.angle_alpha   90.000
_cell.angle_beta   90.000
_cell.angle_gamma   90.000
#
_symmetry.space_group_name_H-M   'P 21 21 21'
#
loop_
_entity.id
_entity.type
_entity.pdbx_description
1 polymer 'Importin subunit alpha-1'
2 non-polymer N-methyl-1-[3-(pyridin-3-yl)phenyl]methanamine
3 water water
#
_entity_poly.entity_id   1
_entity_poly.type   'polypeptide(L)'
_entity_poly.pdbx_seq_one_letter_code
;VNWSVEDIVKGINSNNLESQLQATQAARKLLSREKQPPIDNIIRAGLIPKFVSFLGKTDCSPIQFESAWALTNIASGTSE
QTKAVVDGGAIPAFISLLASPHAHISEQAVWALGNIAGDGSAFRDLVIKHGAIDPLLALLAVPDLSTLACGYLRNLTWTL
SNLCRNKNPAPPLDAVEQILPTLVRLLHHNDPEVLADSCWAISYLTDGPNERIEMVVKKGVVPQLVKLLGATELPIVTPA
LRAIGNIVTGTDEQTQKVIDAGALAVFPSLLTNPKTNIQKEATWTMSNITAGRQDQIQQVVNHGLVPFLVGVLSKADFKT
QKEAAWAITNYTSGGTVEQIVYLVHCGIIEPLMNLLSAKDTKIIQVILDAISNIFQAAEKLGETEKLSIMIEECGGLDKI
EALQRHENESVYKASLNLIEKYFSV
;
_entity_poly.pdbx_strand_id   A
#
# COMPACT_ATOMS: atom_id res chain seq x y z
N VAL A 1 40.46 0.17 -4.65
CA VAL A 1 39.57 1.20 -4.11
C VAL A 1 39.96 2.61 -4.62
N ASN A 2 38.94 3.42 -4.89
CA ASN A 2 39.09 4.78 -5.42
C ASN A 2 39.75 4.85 -6.80
N TRP A 3 39.40 3.93 -7.71
CA TRP A 3 39.88 4.09 -9.09
C TRP A 3 39.15 5.26 -9.74
N SER A 4 39.80 5.90 -10.71
CA SER A 4 39.11 6.84 -11.58
C SER A 4 38.32 6.08 -12.65
N VAL A 5 37.38 6.77 -13.30
CA VAL A 5 36.62 6.20 -14.42
C VAL A 5 37.54 5.91 -15.60
N GLU A 6 38.51 6.80 -15.80
CA GLU A 6 39.49 6.63 -16.87
C GLU A 6 40.21 5.28 -16.77
N ASP A 7 40.58 4.89 -15.55
CA ASP A 7 41.32 3.67 -15.28
C ASP A 7 40.45 2.41 -15.39
N ILE A 8 39.22 2.51 -14.91
CA ILE A 8 38.26 1.43 -15.05
C ILE A 8 38.06 1.14 -16.52
N VAL A 9 37.88 2.21 -17.28
CA VAL A 9 37.66 2.11 -18.72
C VAL A 9 38.86 1.43 -19.36
N LYS A 10 40.05 1.83 -18.94
CA LYS A 10 41.31 1.29 -19.49
C LYS A 10 41.48 -0.22 -19.21
N GLY A 11 41.29 -0.64 -17.96
CA GLY A 11 41.28 -2.04 -17.61
C GLY A 11 40.19 -2.88 -18.28
N ILE A 12 38.98 -2.34 -18.36
CA ILE A 12 37.88 -3.07 -18.99
C ILE A 12 38.10 -3.26 -20.50
N ASN A 13 38.80 -2.31 -21.13
CA ASN A 13 39.11 -2.37 -22.57
C ASN A 13 40.35 -3.18 -22.94
N SER A 14 41.11 -3.64 -21.94
CA SER A 14 42.27 -4.50 -22.19
C SER A 14 41.82 -5.85 -22.71
N ASN A 15 42.72 -6.60 -23.31
CA ASN A 15 42.34 -7.91 -23.83
C ASN A 15 42.72 -9.00 -22.83
N ASN A 16 42.39 -8.75 -21.56
CA ASN A 16 42.87 -9.54 -20.44
C ASN A 16 41.75 -9.75 -19.45
N LEU A 17 41.29 -10.98 -19.34
CA LEU A 17 40.11 -11.28 -18.51
C LEU A 17 40.35 -10.85 -17.06
N GLU A 18 41.56 -11.13 -16.56
CA GLU A 18 41.95 -10.73 -15.21
C GLU A 18 41.96 -9.23 -15.02
N SER A 19 42.59 -8.49 -15.96
CA SER A 19 42.53 -7.04 -15.91
C SER A 19 41.09 -6.52 -15.94
N GLN A 20 40.26 -7.12 -16.79
CA GLN A 20 38.84 -6.75 -16.83
C GLN A 20 38.15 -7.01 -15.50
N LEU A 21 38.47 -8.14 -14.89
CA LEU A 21 37.94 -8.50 -13.57
C LEU A 21 38.31 -7.48 -12.50
N GLN A 22 39.56 -7.04 -12.46
CA GLN A 22 39.99 -6.06 -11.45
C GLN A 22 39.28 -4.75 -11.71
N ALA A 23 39.18 -4.36 -12.98
CA ALA A 23 38.53 -3.11 -13.35
C ALA A 23 37.03 -3.15 -13.02
N THR A 24 36.39 -4.29 -13.31
CA THR A 24 34.96 -4.44 -13.00
C THR A 24 34.74 -4.34 -11.50
N GLN A 25 35.55 -5.06 -10.73
CA GLN A 25 35.49 -4.95 -9.27
C GLN A 25 35.66 -3.51 -8.79
N ALA A 26 36.64 -2.81 -9.36
CA ALA A 26 36.84 -1.41 -9.01
C ALA A 26 35.58 -0.59 -9.30
N ALA A 27 34.97 -0.82 -10.46
CA ALA A 27 33.69 -0.18 -10.84
C ALA A 27 32.59 -0.44 -9.83
N ARG A 28 32.45 -1.68 -9.39
CA ARG A 28 31.40 -1.97 -8.41
C ARG A 28 31.61 -1.17 -7.13
N LYS A 29 32.85 -1.10 -6.64
CA LYS A 29 33.15 -0.41 -5.38
C LYS A 29 32.84 1.08 -5.49
N LEU A 30 33.24 1.66 -6.61
CA LEU A 30 32.90 3.03 -6.95
C LEU A 30 31.38 3.27 -6.96
N LEU A 31 30.63 2.35 -7.58
CA LEU A 31 29.17 2.49 -7.62
C LEU A 31 28.52 2.18 -6.27
N SER A 32 29.24 1.48 -5.40
CA SER A 32 28.76 1.15 -4.05
C SER A 32 28.91 2.31 -3.08
N ARG A 33 29.83 3.22 -3.38
CA ARG A 33 30.07 4.44 -2.60
C ARG A 33 28.77 5.14 -2.17
N GLU A 34 28.68 5.51 -0.89
CA GLU A 34 27.46 6.10 -0.33
C GLU A 34 27.14 7.52 -0.83
N LYS A 35 28.12 8.42 -0.78
CA LYS A 35 27.91 9.78 -1.25
C LYS A 35 28.16 9.90 -2.75
N GLN A 36 27.19 10.42 -3.49
CA GLN A 36 27.39 10.87 -4.88
C GLN A 36 27.97 9.83 -5.84
N PRO A 37 27.40 8.61 -5.87
CA PRO A 37 28.04 7.55 -6.68
C PRO A 37 27.94 7.90 -8.17
N PRO A 38 29.10 7.95 -8.86
CA PRO A 38 29.22 8.42 -10.25
C PRO A 38 28.56 7.49 -11.26
N ILE A 39 27.29 7.16 -11.03
CA ILE A 39 26.54 6.31 -11.93
C ILE A 39 26.51 6.89 -13.36
N ASP A 40 26.21 8.18 -13.48
CA ASP A 40 26.07 8.79 -14.80
C ASP A 40 27.38 8.79 -15.59
N ASN A 41 28.50 8.92 -14.89
CA ASN A 41 29.80 8.88 -15.56
C ASN A 41 30.12 7.50 -16.11
N ILE A 42 29.79 6.48 -15.31
CA ILE A 42 29.93 5.09 -15.70
C ILE A 42 29.07 4.79 -16.94
N ILE A 43 27.85 5.31 -16.95
CA ILE A 43 26.95 5.12 -18.09
C ILE A 43 27.50 5.85 -19.31
N ARG A 44 27.91 7.10 -19.12
CA ARG A 44 28.52 7.90 -20.20
C ARG A 44 29.77 7.26 -20.81
N ALA A 45 30.52 6.52 -20.00
CA ALA A 45 31.72 5.80 -20.47
C ALA A 45 31.44 4.59 -21.36
N GLY A 46 30.17 4.22 -21.53
CA GLY A 46 29.82 3.07 -22.35
C GLY A 46 30.12 1.73 -21.72
N LEU A 47 30.17 1.68 -20.38
CA LEU A 47 30.52 0.44 -19.69
C LEU A 47 29.39 -0.61 -19.59
N ILE A 48 28.12 -0.17 -19.66
CA ILE A 48 27.00 -1.08 -19.44
C ILE A 48 26.96 -2.27 -20.43
N PRO A 49 27.12 -2.03 -21.75
CA PRO A 49 27.21 -3.16 -22.68
C PRO A 49 28.29 -4.18 -22.31
N LYS A 50 29.43 -3.68 -21.84
CA LYS A 50 30.55 -4.55 -21.45
C LYS A 50 30.22 -5.34 -20.17
N PHE A 51 29.64 -4.67 -19.18
CA PHE A 51 29.17 -5.36 -17.98
C PHE A 51 28.16 -6.47 -18.34
N VAL A 52 27.26 -6.16 -19.29
CA VAL A 52 26.24 -7.14 -19.65
C VAL A 52 26.92 -8.34 -20.31
N SER A 53 27.91 -8.09 -21.16
CA SER A 53 28.57 -9.22 -21.81
C SER A 53 29.35 -10.07 -20.77
N PHE A 54 29.84 -9.47 -19.69
CA PHE A 54 30.53 -10.28 -18.66
C PHE A 54 29.55 -11.20 -17.90
N LEU A 55 28.25 -10.89 -17.93
CA LEU A 55 27.26 -11.75 -17.27
C LEU A 55 27.26 -13.16 -17.88
N GLY A 56 27.63 -13.27 -19.16
CA GLY A 56 27.63 -14.55 -19.84
C GLY A 56 28.92 -15.36 -19.70
N LYS A 57 29.93 -14.80 -19.03
CA LYS A 57 31.18 -15.52 -18.88
C LYS A 57 31.09 -16.60 -17.81
N THR A 58 30.37 -17.66 -18.14
CA THR A 58 30.12 -18.77 -17.23
C THR A 58 31.39 -19.40 -16.72
N ASP A 59 32.47 -19.25 -17.49
CA ASP A 59 33.78 -19.75 -17.08
C ASP A 59 34.40 -18.91 -15.97
N CYS A 60 34.00 -17.65 -15.84
CA CYS A 60 34.58 -16.79 -14.81
C CYS A 60 33.51 -16.20 -13.88
N SER A 61 33.00 -17.03 -12.98
CA SER A 61 31.96 -16.62 -12.03
C SER A 61 32.29 -15.34 -11.24
N PRO A 62 33.57 -15.09 -10.87
CA PRO A 62 33.76 -13.80 -10.18
C PRO A 62 33.45 -12.54 -11.03
N ILE A 63 33.72 -12.54 -12.33
CA ILE A 63 33.38 -11.37 -13.13
C ILE A 63 31.87 -11.34 -13.43
N GLN A 64 31.23 -12.51 -13.44
CA GLN A 64 29.77 -12.55 -13.48
C GLN A 64 29.20 -11.78 -12.28
N PHE A 65 29.73 -12.10 -11.10
CA PHE A 65 29.26 -11.52 -9.87
C PHE A 65 29.52 -10.00 -9.77
N GLU A 66 30.75 -9.59 -10.05
CA GLU A 66 31.11 -8.17 -10.02
C GLU A 66 30.28 -7.29 -10.99
N SER A 67 30.11 -7.74 -12.23
CA SER A 67 29.35 -6.97 -13.18
C SER A 67 27.85 -7.00 -12.83
N ALA A 68 27.38 -8.12 -12.28
CA ALA A 68 25.98 -8.18 -11.83
C ALA A 68 25.76 -7.12 -10.76
N TRP A 69 26.67 -7.08 -9.80
CA TRP A 69 26.57 -6.14 -8.70
C TRP A 69 26.71 -4.69 -9.18
N ALA A 70 27.71 -4.46 -10.03
CA ALA A 70 27.90 -3.13 -10.61
C ALA A 70 26.64 -2.68 -11.34
N LEU A 71 26.05 -3.60 -12.12
CA LEU A 71 24.86 -3.27 -12.90
C LEU A 71 23.65 -3.07 -11.99
N THR A 72 23.59 -3.85 -10.92
CA THR A 72 22.46 -3.72 -10.03
C THR A 72 22.53 -2.35 -9.33
N ASN A 73 23.74 -1.90 -9.00
CA ASN A 73 23.89 -0.58 -8.40
C ASN A 73 23.36 0.54 -9.32
N ILE A 74 23.61 0.42 -10.61
CA ILE A 74 23.02 1.34 -11.57
C ILE A 74 21.48 1.20 -11.65
N ALA A 75 21.01 -0.03 -11.86
CA ALA A 75 19.56 -0.31 -11.92
C ALA A 75 18.77 0.11 -10.66
N SER A 76 19.42 0.22 -9.51
CA SER A 76 18.72 0.64 -8.29
C SER A 76 18.69 2.16 -8.10
N GLY A 77 19.02 2.91 -9.16
CA GLY A 77 18.93 4.36 -9.12
C GLY A 77 17.67 4.88 -9.78
N THR A 78 17.82 5.85 -10.68
CA THR A 78 16.69 6.52 -11.31
C THR A 78 16.09 5.71 -12.45
N SER A 79 15.07 6.25 -13.11
CA SER A 79 14.44 5.57 -14.22
C SER A 79 15.28 5.63 -15.47
N GLU A 80 15.92 6.77 -15.73
CA GLU A 80 16.83 6.87 -16.87
C GLU A 80 17.95 5.84 -16.70
N GLN A 81 18.46 5.72 -15.47
CA GLN A 81 19.56 4.79 -15.17
C GLN A 81 19.11 3.33 -15.32
N THR A 82 17.96 3.00 -14.76
CA THR A 82 17.37 1.67 -14.95
C THR A 82 17.11 1.42 -16.44
N LYS A 83 16.65 2.44 -17.15
CA LYS A 83 16.43 2.31 -18.57
C LYS A 83 17.73 1.96 -19.28
N ALA A 84 18.84 2.52 -18.80
CA ALA A 84 20.13 2.31 -19.44
C ALA A 84 20.54 0.84 -19.30
N VAL A 85 20.30 0.27 -18.12
CA VAL A 85 20.63 -1.11 -17.88
C VAL A 85 19.78 -2.04 -18.77
N VAL A 86 18.49 -1.79 -18.82
CA VAL A 86 17.59 -2.53 -19.71
C VAL A 86 17.98 -2.33 -21.18
N ASP A 87 18.31 -1.10 -21.57
CA ASP A 87 18.70 -0.88 -22.96
C ASP A 87 19.99 -1.63 -23.34
N GLY A 88 20.78 -2.00 -22.32
CA GLY A 88 21.97 -2.81 -22.56
C GLY A 88 21.76 -4.30 -22.71
N GLY A 89 20.50 -4.75 -22.68
CA GLY A 89 20.21 -6.17 -22.83
C GLY A 89 20.28 -6.98 -21.53
N ALA A 90 20.27 -6.28 -20.41
CA ALA A 90 20.50 -6.91 -19.11
C ALA A 90 19.42 -7.92 -18.69
N ILE A 91 18.16 -7.70 -19.05
CA ILE A 91 17.09 -8.57 -18.56
C ILE A 91 17.28 -10.06 -18.93
N PRO A 92 17.47 -10.39 -20.23
CA PRO A 92 17.69 -11.83 -20.51
C PRO A 92 18.94 -12.39 -19.81
N ALA A 93 20.00 -11.59 -19.74
CA ALA A 93 21.24 -12.02 -19.11
C ALA A 93 21.01 -12.37 -17.63
N PHE A 94 20.25 -11.52 -16.94
CA PHE A 94 19.97 -11.73 -15.53
C PHE A 94 19.04 -12.93 -15.28
N ILE A 95 18.15 -13.21 -16.23
CA ILE A 95 17.22 -14.31 -16.03
C ILE A 95 18.00 -15.60 -16.15
N SER A 96 18.89 -15.65 -17.14
CA SER A 96 19.82 -16.76 -17.27
C SER A 96 20.62 -17.01 -15.99
N LEU A 97 21.05 -15.94 -15.32
CA LEU A 97 21.85 -16.10 -14.14
C LEU A 97 21.07 -16.64 -12.92
N LEU A 98 19.74 -16.60 -12.95
CA LEU A 98 18.96 -17.16 -11.85
C LEU A 98 19.31 -18.62 -11.63
N ALA A 99 19.69 -19.29 -12.72
CA ALA A 99 20.02 -20.71 -12.74
C ALA A 99 21.46 -21.02 -12.29
N SER A 100 22.23 -19.98 -11.97
CA SER A 100 23.63 -20.17 -11.62
C SER A 100 23.82 -21.01 -10.37
N PRO A 101 24.81 -21.93 -10.37
CA PRO A 101 25.11 -22.78 -9.21
C PRO A 101 25.69 -22.02 -8.02
N HIS A 102 26.08 -20.76 -8.23
CA HIS A 102 26.60 -19.95 -7.15
C HIS A 102 25.48 -19.11 -6.58
N ALA A 103 25.08 -19.42 -5.35
CA ALA A 103 24.00 -18.69 -4.70
C ALA A 103 24.23 -17.18 -4.74
N HIS A 104 25.48 -16.76 -4.52
CA HIS A 104 25.84 -15.34 -4.54
C HIS A 104 25.46 -14.67 -5.87
N ILE A 105 25.59 -15.41 -6.96
CA ILE A 105 25.34 -14.86 -8.29
C ILE A 105 23.85 -14.92 -8.61
N SER A 106 23.24 -16.04 -8.30
CA SER A 106 21.79 -16.19 -8.37
C SER A 106 21.07 -15.05 -7.63
N GLU A 107 21.55 -14.75 -6.43
CA GLU A 107 20.93 -13.74 -5.58
C GLU A 107 21.02 -12.32 -6.18
N GLN A 108 22.20 -11.97 -6.73
CA GLN A 108 22.36 -10.69 -7.44
C GLN A 108 21.36 -10.54 -8.60
N ALA A 109 21.17 -11.61 -9.34
CA ALA A 109 20.26 -11.61 -10.47
C ALA A 109 18.83 -11.34 -9.98
N VAL A 110 18.48 -11.92 -8.82
CA VAL A 110 17.16 -11.75 -8.22
C VAL A 110 16.94 -10.28 -7.87
N TRP A 111 17.96 -9.69 -7.24
CA TRP A 111 17.94 -8.30 -6.82
C TRP A 111 17.90 -7.35 -8.03
N ALA A 112 18.66 -7.68 -9.08
CA ALA A 112 18.63 -6.93 -10.35
C ALA A 112 17.24 -6.88 -10.97
N LEU A 113 16.62 -8.05 -11.09
CA LEU A 113 15.29 -8.15 -11.67
C LEU A 113 14.26 -7.41 -10.84
N GLY A 114 14.45 -7.45 -9.51
CA GLY A 114 13.58 -6.75 -8.60
C GLY A 114 13.60 -5.24 -8.82
N ASN A 115 14.81 -4.68 -8.94
CA ASN A 115 14.94 -3.25 -9.23
C ASN A 115 14.44 -2.86 -10.64
N ILE A 116 14.67 -3.70 -11.63
CA ILE A 116 14.15 -3.39 -12.97
C ILE A 116 12.61 -3.45 -12.99
N ALA A 117 12.03 -4.56 -12.51
CA ALA A 117 10.58 -4.70 -12.48
C ALA A 117 9.93 -3.63 -11.61
N GLY A 118 10.59 -3.25 -10.53
CA GLY A 118 10.05 -2.26 -9.61
C GLY A 118 9.98 -0.85 -10.16
N ASP A 119 10.67 -0.58 -11.25
CA ASP A 119 10.74 0.79 -11.74
C ASP A 119 9.42 1.28 -12.35
N GLY A 120 8.62 0.38 -12.91
CA GLY A 120 7.34 0.77 -13.46
C GLY A 120 6.61 -0.35 -14.18
N SER A 121 5.38 -0.07 -14.58
CA SER A 121 4.53 -1.05 -15.25
C SER A 121 5.14 -1.70 -16.50
N ALA A 122 5.70 -0.89 -17.38
CA ALA A 122 6.21 -1.40 -18.66
C ALA A 122 7.41 -2.34 -18.45
N PHE A 123 8.30 -1.97 -17.53
CA PHE A 123 9.47 -2.81 -17.26
C PHE A 123 9.05 -4.08 -16.50
N ARG A 124 8.12 -3.94 -15.55
CA ARG A 124 7.55 -5.08 -14.85
C ARG A 124 7.04 -6.08 -15.87
N ASP A 125 6.24 -5.59 -16.80
CA ASP A 125 5.68 -6.47 -17.82
C ASP A 125 6.76 -6.96 -18.78
N LEU A 126 7.82 -6.18 -18.98
CA LEU A 126 8.91 -6.67 -19.84
C LEU A 126 9.67 -7.82 -19.18
N VAL A 127 9.91 -7.69 -17.89
CA VAL A 127 10.56 -8.75 -17.14
C VAL A 127 9.72 -10.03 -17.20
N ILE A 128 8.40 -9.89 -17.06
CA ILE A 128 7.51 -11.03 -17.10
C ILE A 128 7.54 -11.72 -18.49
N LYS A 129 7.49 -10.90 -19.55
CA LYS A 129 7.57 -11.40 -20.93
C LYS A 129 8.88 -12.14 -21.25
N HIS A 130 9.98 -11.76 -20.61
CA HIS A 130 11.23 -12.47 -20.81
C HIS A 130 11.26 -13.80 -20.02
N GLY A 131 10.20 -14.07 -19.27
CA GLY A 131 10.06 -15.36 -18.60
C GLY A 131 10.74 -15.47 -17.25
N ALA A 132 10.77 -14.38 -16.49
CA ALA A 132 11.42 -14.37 -15.17
C ALA A 132 10.67 -15.16 -14.08
N ILE A 133 9.36 -15.28 -14.20
CA ILE A 133 8.56 -15.78 -13.08
C ILE A 133 8.88 -17.25 -12.76
N ASP A 134 8.93 -18.11 -13.77
CA ASP A 134 9.24 -19.52 -13.55
C ASP A 134 10.58 -19.78 -12.83
N PRO A 135 11.71 -19.24 -13.33
CA PRO A 135 12.92 -19.54 -12.57
C PRO A 135 12.95 -18.88 -11.18
N LEU A 136 12.25 -17.76 -10.97
CA LEU A 136 12.16 -17.19 -9.62
C LEU A 136 11.42 -18.11 -8.65
N LEU A 137 10.25 -18.58 -9.07
CA LEU A 137 9.43 -19.47 -8.23
C LEU A 137 10.15 -20.79 -8.00
N ALA A 138 10.94 -21.21 -8.98
CA ALA A 138 11.67 -22.47 -8.88
C ALA A 138 12.71 -22.41 -7.76
N LEU A 139 13.13 -21.20 -7.39
CA LEU A 139 14.13 -20.99 -6.36
C LEU A 139 13.56 -21.18 -4.97
N LEU A 140 12.24 -21.22 -4.89
CA LEU A 140 11.52 -21.38 -3.63
C LEU A 140 10.85 -22.73 -3.55
N ALA A 141 11.11 -23.58 -4.55
CA ALA A 141 10.45 -24.88 -4.61
C ALA A 141 11.11 -25.88 -3.66
N VAL A 142 11.03 -25.59 -2.36
CA VAL A 142 11.50 -26.50 -1.33
C VAL A 142 10.36 -26.86 -0.36
N PRO A 143 10.45 -28.03 0.27
CA PRO A 143 9.45 -28.48 1.28
C PRO A 143 9.25 -27.48 2.45
N ASP A 144 10.35 -26.93 2.97
CA ASP A 144 10.27 -25.97 4.07
C ASP A 144 11.18 -24.77 3.81
N LEU A 145 10.59 -23.57 3.86
CA LEU A 145 11.30 -22.33 3.55
C LEU A 145 12.42 -22.02 4.53
N SER A 146 12.28 -22.52 5.76
CA SER A 146 13.28 -22.29 6.82
C SER A 146 14.68 -22.80 6.48
N THR A 147 14.78 -23.69 5.50
CA THR A 147 16.06 -24.25 5.09
C THR A 147 16.81 -23.36 4.09
N LEU A 148 16.17 -22.28 3.64
CA LEU A 148 16.83 -21.34 2.74
C LEU A 148 17.47 -20.27 3.60
N ALA A 149 18.58 -19.72 3.12
CA ALA A 149 19.26 -18.65 3.83
C ALA A 149 18.31 -17.46 3.95
N CYS A 150 18.31 -16.85 5.11
CA CYS A 150 17.43 -15.74 5.40
C CYS A 150 17.49 -14.58 4.38
N GLY A 151 18.69 -14.10 4.06
CA GLY A 151 18.84 -12.95 3.19
C GLY A 151 18.41 -13.31 1.78
N TYR A 152 18.67 -14.56 1.42
CA TYR A 152 18.27 -15.11 0.14
C TYR A 152 16.74 -15.09 0.01
N LEU A 153 16.07 -15.48 1.11
CA LEU A 153 14.63 -15.55 1.15
C LEU A 153 14.04 -14.15 1.12
N ARG A 154 14.68 -13.22 1.82
CA ARG A 154 14.24 -11.82 1.79
C ARG A 154 14.35 -11.16 0.42
N ASN A 155 15.37 -11.54 -0.35
CA ASN A 155 15.57 -10.90 -1.62
C ASN A 155 14.51 -11.37 -2.62
N LEU A 156 14.28 -12.68 -2.64
CA LEU A 156 13.24 -13.26 -3.49
C LEU A 156 11.82 -12.72 -3.20
N THR A 157 11.48 -12.54 -1.92
CA THR A 157 10.15 -12.02 -1.54
C THR A 157 10.03 -10.57 -2.00
N TRP A 158 11.10 -9.81 -1.80
CA TRP A 158 11.11 -8.42 -2.23
C TRP A 158 10.90 -8.30 -3.75
N THR A 159 11.50 -9.23 -4.48
CA THR A 159 11.46 -9.12 -5.93
C THR A 159 10.08 -9.53 -6.43
N LEU A 160 9.50 -10.56 -5.82
CA LEU A 160 8.15 -10.96 -6.19
C LEU A 160 7.16 -9.84 -5.87
N SER A 161 7.39 -9.08 -4.82
CA SER A 161 6.44 -8.03 -4.49
C SER A 161 6.49 -6.92 -5.54
N ASN A 162 7.67 -6.72 -6.13
CA ASN A 162 7.81 -5.74 -7.20
C ASN A 162 7.11 -6.16 -8.49
N LEU A 163 7.09 -7.46 -8.77
CA LEU A 163 6.35 -7.97 -9.92
C LEU A 163 4.83 -7.82 -9.74
N CYS A 164 4.41 -7.55 -8.50
CA CYS A 164 2.98 -7.35 -8.18
C CYS A 164 2.60 -5.89 -8.17
N ARG A 165 3.63 -5.04 -8.18
CA ARG A 165 3.48 -3.61 -7.98
C ARG A 165 3.07 -2.81 -9.24
N ASN A 166 2.47 -1.65 -8.98
CA ASN A 166 2.06 -0.62 -9.95
C ASN A 166 0.75 -0.90 -10.70
N LYS A 167 0.16 0.20 -11.16
CA LYS A 167 -1.12 0.16 -11.90
C LYS A 167 -0.99 0.82 -13.28
N ASN A 168 -2.11 0.85 -13.99
CA ASN A 168 -2.18 1.40 -15.35
C ASN A 168 -1.05 0.91 -16.26
N PRO A 169 -1.03 -0.39 -16.57
CA PRO A 169 -1.99 -1.40 -16.09
C PRO A 169 -1.50 -2.08 -14.81
N ALA A 170 -2.38 -2.86 -14.19
CA ALA A 170 -1.98 -3.76 -13.13
C ALA A 170 -1.28 -4.94 -13.81
N PRO A 171 -0.60 -5.80 -13.03
CA PRO A 171 0.09 -6.95 -13.65
C PRO A 171 -0.86 -7.87 -14.41
N PRO A 172 -0.36 -8.61 -15.42
CA PRO A 172 -1.28 -9.52 -16.14
C PRO A 172 -1.94 -10.54 -15.18
N LEU A 173 -3.23 -10.80 -15.41
CA LEU A 173 -3.98 -11.74 -14.57
C LEU A 173 -3.28 -13.09 -14.50
N ASP A 174 -2.77 -13.58 -15.63
CA ASP A 174 -2.06 -14.86 -15.65
C ASP A 174 -0.83 -14.84 -14.74
N ALA A 175 -0.11 -13.72 -14.70
CA ALA A 175 1.09 -13.64 -13.89
C ALA A 175 0.74 -13.60 -12.40
N VAL A 176 -0.30 -12.85 -12.05
CA VAL A 176 -0.78 -12.80 -10.67
C VAL A 176 -1.16 -14.21 -10.20
N GLU A 177 -1.89 -14.95 -11.03
CA GLU A 177 -2.31 -16.31 -10.67
C GLU A 177 -1.11 -17.23 -10.47
N GLN A 178 -0.11 -17.07 -11.31
CA GLN A 178 1.09 -17.90 -11.22
C GLN A 178 1.87 -17.63 -9.92
N ILE A 179 1.94 -16.37 -9.51
CA ILE A 179 2.70 -15.94 -8.33
C ILE A 179 1.99 -16.18 -6.97
N LEU A 180 0.66 -16.04 -6.98
CA LEU A 180 -0.13 -16.02 -5.75
C LEU A 180 0.10 -17.18 -4.76
N PRO A 181 0.13 -18.45 -5.25
CA PRO A 181 0.36 -19.54 -4.28
C PRO A 181 1.69 -19.45 -3.52
N THR A 182 2.78 -19.04 -4.18
CA THR A 182 4.06 -18.86 -3.49
C THR A 182 3.96 -17.71 -2.50
N LEU A 183 3.29 -16.65 -2.91
CA LEU A 183 3.03 -15.50 -2.05
C LEU A 183 2.27 -15.86 -0.76
N VAL A 184 1.23 -16.67 -0.91
CA VAL A 184 0.47 -17.13 0.26
C VAL A 184 1.38 -17.91 1.21
N ARG A 185 2.28 -18.72 0.65
CA ARG A 185 3.25 -19.45 1.47
C ARG A 185 4.22 -18.51 2.20
N LEU A 186 4.71 -17.47 1.54
CA LEU A 186 5.62 -16.51 2.16
C LEU A 186 4.95 -15.70 3.26
N LEU A 187 3.64 -15.54 3.13
CA LEU A 187 2.86 -14.75 4.07
C LEU A 187 2.66 -15.51 5.38
N HIS A 188 3.04 -16.78 5.41
CA HIS A 188 3.01 -17.60 6.63
C HIS A 188 4.41 -17.91 7.14
N HIS A 189 5.42 -17.28 6.55
CA HIS A 189 6.78 -17.56 6.96
C HIS A 189 7.20 -16.67 8.14
N ASN A 190 7.81 -17.25 9.16
CA ASN A 190 8.19 -16.47 10.33
C ASN A 190 9.51 -15.72 10.15
N ASP A 191 9.45 -14.58 9.48
CA ASP A 191 10.52 -13.60 9.40
C ASP A 191 9.86 -12.26 9.13
N PRO A 192 10.15 -11.26 9.95
CA PRO A 192 9.44 -9.98 9.88
C PRO A 192 9.49 -9.34 8.50
N GLU A 193 10.66 -9.41 7.86
CA GLU A 193 10.84 -8.79 6.55
C GLU A 193 10.11 -9.52 5.45
N VAL A 194 10.12 -10.84 5.50
CA VAL A 194 9.41 -11.62 4.50
C VAL A 194 7.92 -11.31 4.64
N LEU A 195 7.44 -11.23 5.87
CA LEU A 195 6.04 -10.92 6.15
C LEU A 195 5.66 -9.51 5.69
N ALA A 196 6.52 -8.55 5.98
CA ALA A 196 6.26 -7.19 5.56
C ALA A 196 6.11 -7.09 4.03
N ASP A 197 7.03 -7.71 3.29
CA ASP A 197 7.04 -7.61 1.83
C ASP A 197 5.94 -8.44 1.17
N SER A 198 5.60 -9.57 1.78
CA SER A 198 4.44 -10.35 1.35
C SER A 198 3.17 -9.53 1.49
N CYS A 199 3.04 -8.90 2.66
CA CYS A 199 1.94 -7.98 2.90
C CYS A 199 1.84 -6.87 1.87
N TRP A 200 2.98 -6.25 1.54
CA TRP A 200 3.01 -5.21 0.51
C TRP A 200 2.50 -5.75 -0.81
N ALA A 201 2.96 -6.94 -1.17
CA ALA A 201 2.58 -7.55 -2.44
C ALA A 201 1.05 -7.76 -2.50
N ILE A 202 0.49 -8.28 -1.41
CA ILE A 202 -0.95 -8.46 -1.29
C ILE A 202 -1.68 -7.12 -1.38
N SER A 203 -1.16 -6.12 -0.68
CA SER A 203 -1.77 -4.81 -0.76
C SER A 203 -1.73 -4.24 -2.19
N TYR A 204 -0.70 -4.58 -2.98
CA TYR A 204 -0.69 -4.15 -4.38
C TYR A 204 -1.77 -4.89 -5.16
N LEU A 205 -1.88 -6.19 -4.96
CA LEU A 205 -2.81 -6.98 -5.77
C LEU A 205 -4.25 -6.63 -5.41
N THR A 206 -4.49 -6.18 -4.18
CA THR A 206 -5.85 -5.87 -3.74
C THR A 206 -6.24 -4.44 -4.10
N ASP A 207 -5.26 -3.65 -4.53
CA ASP A 207 -5.53 -2.26 -4.91
C ASP A 207 -6.10 -2.17 -6.33
N GLY A 208 -7.37 -2.53 -6.49
CA GLY A 208 -8.04 -2.41 -7.78
C GLY A 208 -9.49 -2.88 -7.74
N PRO A 209 -10.04 -3.19 -8.93
CA PRO A 209 -11.44 -3.64 -9.08
C PRO A 209 -11.72 -4.96 -8.36
N ASN A 210 -13.00 -5.18 -8.04
CA ASN A 210 -13.42 -6.30 -7.21
C ASN A 210 -12.98 -7.69 -7.69
N GLU A 211 -12.77 -7.84 -9.00
CA GLU A 211 -12.34 -9.11 -9.58
C GLU A 211 -10.91 -9.43 -9.16
N ARG A 212 -10.09 -8.40 -9.00
CA ARG A 212 -8.72 -8.65 -8.58
C ARG A 212 -8.70 -8.88 -7.08
N ILE A 213 -9.55 -8.15 -6.35
CA ILE A 213 -9.71 -8.38 -4.91
C ILE A 213 -10.09 -9.85 -4.66
N GLU A 214 -10.95 -10.36 -5.54
CA GLU A 214 -11.46 -11.71 -5.44
C GLU A 214 -10.37 -12.76 -5.65
N MET A 215 -9.46 -12.52 -6.60
CA MET A 215 -8.35 -13.46 -6.86
C MET A 215 -7.53 -13.72 -5.61
N VAL A 216 -7.33 -12.67 -4.83
CA VAL A 216 -6.61 -12.77 -3.58
C VAL A 216 -7.47 -13.47 -2.51
N VAL A 217 -8.69 -13.00 -2.35
CA VAL A 217 -9.52 -13.46 -1.25
C VAL A 217 -9.90 -14.95 -1.38
N LYS A 218 -10.10 -15.44 -2.62
CA LYS A 218 -10.33 -16.88 -2.85
C LYS A 218 -9.21 -17.77 -2.32
N LYS A 219 -8.03 -17.19 -2.06
CA LYS A 219 -6.87 -17.95 -1.60
C LYS A 219 -6.77 -18.08 -0.09
N GLY A 220 -7.75 -17.56 0.64
CA GLY A 220 -7.82 -17.73 2.08
C GLY A 220 -6.87 -16.90 2.93
N VAL A 221 -6.29 -15.85 2.36
CA VAL A 221 -5.31 -15.02 3.06
C VAL A 221 -5.89 -14.08 4.12
N VAL A 222 -7.19 -13.84 4.08
CA VAL A 222 -7.76 -12.81 4.94
C VAL A 222 -7.53 -13.10 6.45
N PRO A 223 -7.70 -14.37 6.89
CA PRO A 223 -7.37 -14.59 8.31
C PRO A 223 -5.90 -14.32 8.66
N GLN A 224 -4.99 -14.63 7.74
CA GLN A 224 -3.59 -14.35 7.98
C GLN A 224 -3.31 -12.83 7.98
N LEU A 225 -4.01 -12.09 7.11
CA LEU A 225 -3.89 -10.62 7.12
C LEU A 225 -4.35 -10.01 8.45
N VAL A 226 -5.47 -10.52 8.99
CA VAL A 226 -5.99 -10.01 10.24
C VAL A 226 -5.01 -10.27 11.39
N LYS A 227 -4.45 -11.48 11.46
CA LYS A 227 -3.42 -11.78 12.44
C LYS A 227 -2.23 -10.83 12.33
N LEU A 228 -1.76 -10.60 11.09
CA LEU A 228 -0.61 -9.71 10.87
C LEU A 228 -0.98 -8.28 11.25
N LEU A 229 -2.28 -8.00 11.17
CA LEU A 229 -2.81 -6.69 11.54
C LEU A 229 -2.62 -6.42 13.02
N GLY A 230 -2.51 -7.50 13.80
CA GLY A 230 -2.23 -7.39 15.21
C GLY A 230 -0.76 -7.40 15.62
N ALA A 231 0.15 -7.47 14.66
CA ALA A 231 1.58 -7.58 14.99
C ALA A 231 2.11 -6.37 15.75
N THR A 232 3.28 -6.54 16.36
CA THR A 232 3.90 -5.46 17.11
C THR A 232 4.74 -4.61 16.18
N GLU A 233 5.26 -5.23 15.12
CA GLU A 233 6.11 -4.53 14.15
C GLU A 233 5.27 -3.67 13.20
N LEU A 234 5.38 -2.34 13.38
CA LEU A 234 4.77 -1.38 12.48
C LEU A 234 4.99 -1.67 10.98
N PRO A 235 6.20 -2.16 10.57
CA PRO A 235 6.36 -2.47 9.13
C PRO A 235 5.55 -3.65 8.62
N ILE A 236 4.96 -4.44 9.51
CA ILE A 236 4.03 -5.48 9.09
C ILE A 236 2.60 -4.93 9.14
N VAL A 237 2.28 -4.23 10.23
CA VAL A 237 0.95 -3.68 10.39
C VAL A 237 0.57 -2.73 9.23
N THR A 238 1.51 -1.87 8.83
CA THR A 238 1.23 -0.85 7.83
C THR A 238 0.73 -1.46 6.50
N PRO A 239 1.47 -2.42 5.89
CA PRO A 239 0.90 -3.00 4.67
C PRO A 239 -0.32 -3.90 4.89
N ALA A 240 -0.39 -4.60 6.03
CA ALA A 240 -1.54 -5.44 6.35
C ALA A 240 -2.82 -4.62 6.45
N LEU A 241 -2.72 -3.43 7.03
CA LEU A 241 -3.85 -2.51 7.11
C LEU A 241 -4.25 -1.97 5.74
N ARG A 242 -3.25 -1.61 4.93
CA ARG A 242 -3.53 -1.23 3.55
C ARG A 242 -4.27 -2.34 2.77
N ALA A 243 -3.83 -3.59 2.92
CA ALA A 243 -4.45 -4.70 2.19
C ALA A 243 -5.89 -4.90 2.67
N ILE A 244 -6.09 -4.89 3.99
CA ILE A 244 -7.42 -5.01 4.57
C ILE A 244 -8.32 -3.84 4.13
N GLY A 245 -7.71 -2.66 4.03
CA GLY A 245 -8.41 -1.47 3.60
C GLY A 245 -8.86 -1.58 2.15
N ASN A 246 -8.02 -2.18 1.30
CA ASN A 246 -8.36 -2.38 -0.11
C ASN A 246 -9.49 -3.37 -0.26
N ILE A 247 -9.39 -4.49 0.45
CA ILE A 247 -10.39 -5.54 0.38
C ILE A 247 -11.81 -5.03 0.74
N VAL A 248 -11.94 -4.14 1.72
CA VAL A 248 -13.29 -3.67 2.09
C VAL A 248 -13.83 -2.54 1.19
N THR A 249 -13.11 -2.20 0.12
CA THR A 249 -13.69 -1.36 -0.91
C THR A 249 -14.44 -2.22 -1.94
N GLY A 250 -14.35 -3.54 -1.78
CA GLY A 250 -15.03 -4.48 -2.63
C GLY A 250 -16.50 -4.72 -2.28
N THR A 251 -17.01 -5.89 -2.67
CA THR A 251 -18.40 -6.24 -2.47
C THR A 251 -18.69 -6.48 -0.97
N ASP A 252 -19.96 -6.59 -0.64
CA ASP A 252 -20.38 -6.84 0.73
C ASP A 252 -19.91 -8.22 1.22
N GLU A 253 -19.77 -9.18 0.33
CA GLU A 253 -19.30 -10.51 0.72
C GLU A 253 -17.80 -10.50 0.96
N GLN A 254 -17.06 -9.68 0.21
CA GLN A 254 -15.63 -9.53 0.41
C GLN A 254 -15.38 -8.85 1.76
N THR A 255 -16.11 -7.77 2.02
CA THR A 255 -16.10 -7.08 3.31
C THR A 255 -16.41 -8.02 4.49
N GLN A 256 -17.45 -8.84 4.32
CA GLN A 256 -17.89 -9.77 5.37
C GLN A 256 -16.82 -10.78 5.74
N LYS A 257 -15.96 -11.15 4.79
CA LYS A 257 -14.86 -12.06 5.11
C LYS A 257 -13.88 -11.41 6.07
N VAL A 258 -13.70 -10.10 5.91
CA VAL A 258 -12.81 -9.35 6.78
C VAL A 258 -13.38 -9.32 8.19
N ILE A 259 -14.70 -9.09 8.29
CA ILE A 259 -15.36 -9.06 9.59
C ILE A 259 -15.35 -10.45 10.22
N ASP A 260 -15.56 -11.49 9.41
CA ASP A 260 -15.63 -12.90 9.90
C ASP A 260 -14.29 -13.37 10.45
N ALA A 261 -13.20 -12.88 9.86
CA ALA A 261 -11.85 -13.21 10.30
C ALA A 261 -11.52 -12.58 11.66
N GLY A 262 -12.40 -11.69 12.13
CA GLY A 262 -12.25 -11.08 13.45
C GLY A 262 -11.51 -9.74 13.43
N ALA A 263 -11.52 -9.06 12.28
CA ALA A 263 -10.70 -7.87 12.11
C ALA A 263 -11.12 -6.74 13.01
N LEU A 264 -12.43 -6.63 13.28
CA LEU A 264 -12.93 -5.48 14.01
C LEU A 264 -12.42 -5.44 15.47
N ALA A 265 -11.92 -6.56 15.97
CA ALA A 265 -11.43 -6.57 17.37
C ALA A 265 -10.07 -5.88 17.54
N VAL A 266 -9.43 -5.53 16.41
CA VAL A 266 -8.13 -4.85 16.45
C VAL A 266 -8.29 -3.34 16.36
N PHE A 267 -9.47 -2.89 15.94
CA PHE A 267 -9.64 -1.48 15.66
C PHE A 267 -9.71 -0.52 16.84
N PRO A 268 -10.09 -1.00 18.05
CA PRO A 268 -9.91 -0.04 19.14
C PRO A 268 -8.45 0.45 19.23
N SER A 269 -7.49 -0.45 19.10
CA SER A 269 -6.11 -0.01 19.18
C SER A 269 -5.62 0.66 17.87
N LEU A 270 -6.19 0.33 16.71
CA LEU A 270 -5.79 1.00 15.46
C LEU A 270 -6.31 2.43 15.37
N LEU A 271 -7.54 2.63 15.86
CA LEU A 271 -8.17 3.95 15.82
C LEU A 271 -7.56 4.89 16.85
N THR A 272 -6.70 4.36 17.73
CA THR A 272 -5.99 5.20 18.68
C THR A 272 -4.47 5.10 18.52
N ASN A 273 -4.03 4.51 17.42
CA ASN A 273 -2.60 4.27 17.19
C ASN A 273 -1.79 5.58 17.18
N PRO A 274 -0.63 5.55 17.85
CA PRO A 274 0.27 6.72 17.93
C PRO A 274 0.81 7.18 16.56
N LYS A 275 0.87 6.27 15.59
CA LYS A 275 1.34 6.67 14.26
C LYS A 275 0.16 7.19 13.45
N THR A 276 0.29 8.43 12.98
CA THR A 276 -0.78 9.13 12.30
C THR A 276 -1.36 8.37 11.11
N ASN A 277 -0.48 7.78 10.30
CA ASN A 277 -0.95 7.14 9.08
C ASN A 277 -1.72 5.85 9.34
N ILE A 278 -1.41 5.15 10.43
CA ILE A 278 -2.16 3.94 10.80
C ILE A 278 -3.60 4.33 11.16
N GLN A 279 -3.71 5.37 11.95
CA GLN A 279 -4.97 5.88 12.44
C GLN A 279 -5.80 6.41 11.27
N LYS A 280 -5.14 7.11 10.36
CA LYS A 280 -5.79 7.57 9.13
C LYS A 280 -6.35 6.40 8.31
N GLU A 281 -5.52 5.37 8.11
CA GLU A 281 -5.89 4.23 7.28
C GLU A 281 -6.92 3.35 7.97
N ALA A 282 -6.88 3.32 9.31
CA ALA A 282 -7.88 2.57 10.07
C ALA A 282 -9.28 3.23 9.91
N THR A 283 -9.31 4.56 9.98
CA THR A 283 -10.55 5.29 9.89
C THR A 283 -11.14 5.22 8.47
N TRP A 284 -10.27 5.26 7.45
CA TRP A 284 -10.66 5.02 6.04
C TRP A 284 -11.34 3.67 5.86
N THR A 285 -10.69 2.65 6.40
CA THR A 285 -11.20 1.28 6.41
C THR A 285 -12.57 1.22 7.07
N MET A 286 -12.72 1.92 8.20
CA MET A 286 -14.00 1.99 8.90
C MET A 286 -15.10 2.63 8.04
N SER A 287 -14.72 3.66 7.28
CA SER A 287 -15.67 4.39 6.42
C SER A 287 -16.22 3.51 5.28
N ASN A 288 -15.43 2.53 4.86
CA ASN A 288 -15.90 1.58 3.86
C ASN A 288 -16.76 0.50 4.49
N ILE A 289 -16.50 0.21 5.76
CA ILE A 289 -17.31 -0.77 6.43
C ILE A 289 -18.66 -0.16 6.87
N THR A 290 -18.69 1.12 7.21
CA THR A 290 -19.97 1.72 7.56
C THR A 290 -20.79 2.01 6.29
N ALA A 291 -20.19 1.81 5.13
CA ALA A 291 -20.89 1.97 3.85
C ALA A 291 -21.49 0.64 3.36
N GLY A 292 -21.37 -0.40 4.18
CA GLY A 292 -21.91 -1.70 3.85
C GLY A 292 -23.35 -1.94 4.31
N ARG A 293 -23.69 -3.20 4.53
CA ARG A 293 -25.04 -3.59 4.91
C ARG A 293 -25.34 -3.24 6.37
N GLN A 294 -26.62 -3.26 6.71
CA GLN A 294 -27.07 -2.88 8.03
C GLN A 294 -26.58 -3.84 9.11
N ASP A 295 -26.46 -5.12 8.78
CA ASP A 295 -25.90 -6.10 9.72
C ASP A 295 -24.39 -5.91 9.91
N GLN A 296 -23.74 -5.25 8.94
CA GLN A 296 -22.32 -4.96 9.06
C GLN A 296 -22.10 -3.72 9.93
N ILE A 297 -22.92 -2.69 9.73
CA ILE A 297 -22.99 -1.56 10.65
C ILE A 297 -23.28 -2.07 12.07
N GLN A 298 -24.15 -3.06 12.20
CA GLN A 298 -24.50 -3.57 13.52
C GLN A 298 -23.28 -4.22 14.19
N GLN A 299 -22.38 -4.77 13.41
CA GLN A 299 -21.21 -5.40 14.02
C GLN A 299 -20.18 -4.36 14.48
N VAL A 300 -20.11 -3.25 13.75
CA VAL A 300 -19.35 -2.09 14.18
C VAL A 300 -19.85 -1.59 15.55
N VAL A 301 -21.18 -1.50 15.68
CA VAL A 301 -21.82 -1.18 16.94
C VAL A 301 -21.43 -2.16 18.04
N ASN A 302 -21.58 -3.45 17.75
CA ASN A 302 -21.38 -4.51 18.75
C ASN A 302 -19.94 -4.64 19.26
N HIS A 303 -18.96 -4.31 18.42
CA HIS A 303 -17.55 -4.34 18.84
C HIS A 303 -17.17 -3.05 19.60
N GLY A 304 -18.14 -2.17 19.86
CA GLY A 304 -17.90 -0.97 20.63
C GLY A 304 -17.08 0.07 19.89
N LEU A 305 -17.17 0.07 18.55
CA LEU A 305 -16.29 0.92 17.75
C LEU A 305 -16.84 2.32 17.54
N VAL A 306 -18.11 2.52 17.86
CA VAL A 306 -18.72 3.83 17.66
C VAL A 306 -18.13 4.90 18.58
N PRO A 307 -17.95 4.60 19.89
CA PRO A 307 -17.21 5.58 20.70
C PRO A 307 -15.81 5.92 20.14
N PHE A 308 -15.13 4.96 19.52
CA PHE A 308 -13.83 5.24 18.92
C PHE A 308 -13.92 6.14 17.72
N LEU A 309 -14.99 6.03 16.94
CA LEU A 309 -15.20 6.94 15.81
C LEU A 309 -15.50 8.36 16.32
N VAL A 310 -16.27 8.43 17.40
CA VAL A 310 -16.59 9.72 18.03
C VAL A 310 -15.29 10.39 18.51
N GLY A 311 -14.42 9.58 19.13
CA GLY A 311 -13.12 10.04 19.57
C GLY A 311 -12.21 10.55 18.45
N VAL A 312 -12.10 9.80 17.36
CA VAL A 312 -11.27 10.25 16.24
C VAL A 312 -11.86 11.52 15.62
N LEU A 313 -13.19 11.56 15.50
CA LEU A 313 -13.84 12.78 15.03
C LEU A 313 -13.52 13.98 15.95
N SER A 314 -13.40 13.74 17.25
CA SER A 314 -13.18 14.82 18.22
C SER A 314 -11.77 15.37 18.18
N LYS A 315 -10.78 14.49 18.14
CA LYS A 315 -9.40 14.92 18.10
C LYS A 315 -8.57 13.92 17.31
N ALA A 316 -7.93 14.42 16.27
CA ALA A 316 -7.06 13.64 15.41
C ALA A 316 -6.45 14.58 14.39
N ASP A 317 -5.46 14.12 13.64
CA ASP A 317 -4.98 14.83 12.46
C ASP A 317 -6.18 15.15 11.54
N PHE A 318 -6.15 16.30 10.86
CA PHE A 318 -7.34 16.70 10.09
C PHE A 318 -7.77 15.69 9.01
N LYS A 319 -6.81 15.06 8.36
CA LYS A 319 -7.10 14.10 7.30
C LYS A 319 -7.80 12.85 7.86
N THR A 320 -7.44 12.48 9.08
CA THR A 320 -8.09 11.37 9.78
C THR A 320 -9.52 11.77 10.12
N GLN A 321 -9.69 13.00 10.62
CA GLN A 321 -11.01 13.53 10.96
C GLN A 321 -11.92 13.57 9.73
N LYS A 322 -11.33 13.90 8.58
CA LYS A 322 -12.06 13.90 7.32
C LYS A 322 -12.58 12.48 7.03
N GLU A 323 -11.75 11.46 7.29
CA GLU A 323 -12.18 10.08 7.07
C GLU A 323 -13.28 9.67 8.04
N ALA A 324 -13.22 10.16 9.29
CA ALA A 324 -14.22 9.82 10.29
C ALA A 324 -15.56 10.44 9.93
N ALA A 325 -15.53 11.65 9.39
CA ALA A 325 -16.73 12.30 8.85
C ALA A 325 -17.40 11.43 7.79
N TRP A 326 -16.63 10.93 6.83
CA TRP A 326 -17.14 9.97 5.85
C TRP A 326 -17.72 8.72 6.53
N ALA A 327 -17.01 8.20 7.53
CA ALA A 327 -17.48 7.01 8.21
C ALA A 327 -18.85 7.28 8.80
N ILE A 328 -19.07 8.51 9.26
CA ILE A 328 -20.34 8.88 9.89
C ILE A 328 -21.46 9.05 8.86
N THR A 329 -21.20 9.82 7.80
CA THR A 329 -22.17 9.98 6.73
C THR A 329 -22.56 8.63 6.11
N ASN A 330 -21.59 7.75 5.91
CA ASN A 330 -21.90 6.41 5.38
C ASN A 330 -22.75 5.59 6.36
N TYR A 331 -22.44 5.70 7.65
CA TYR A 331 -23.19 5.05 8.71
C TYR A 331 -24.63 5.58 8.74
N THR A 332 -24.80 6.89 8.66
CA THR A 332 -26.10 7.49 8.83
C THR A 332 -26.97 7.28 7.61
N SER A 333 -26.36 7.22 6.42
CA SER A 333 -27.15 7.02 5.20
C SER A 333 -27.68 5.59 5.11
N GLY A 334 -26.89 4.61 5.53
CA GLY A 334 -27.29 3.22 5.39
C GLY A 334 -27.88 2.60 6.64
N GLY A 335 -27.69 3.26 7.78
CA GLY A 335 -28.13 2.70 9.05
C GLY A 335 -29.63 2.72 9.33
N THR A 336 -30.06 1.81 10.18
CA THR A 336 -31.42 1.85 10.71
C THR A 336 -31.61 3.04 11.63
N VAL A 337 -32.85 3.30 11.99
CA VAL A 337 -33.15 4.40 12.90
C VAL A 337 -32.58 4.14 14.32
N GLU A 338 -32.66 2.91 14.80
CA GLU A 338 -32.09 2.57 16.10
C GLU A 338 -30.56 2.74 16.11
N GLN A 339 -29.91 2.35 15.01
CA GLN A 339 -28.47 2.53 14.88
C GLN A 339 -28.08 4.01 14.81
N ILE A 340 -28.89 4.85 14.17
CA ILE A 340 -28.60 6.28 14.16
C ILE A 340 -28.87 6.95 15.54
N VAL A 341 -29.93 6.52 16.21
CA VAL A 341 -30.22 6.95 17.57
C VAL A 341 -29.01 6.70 18.49
N TYR A 342 -28.50 5.47 18.44
CA TYR A 342 -27.35 5.05 19.23
C TYR A 342 -26.11 5.91 18.97
N LEU A 343 -25.93 6.30 17.72
CA LEU A 343 -24.80 7.13 17.30
C LEU A 343 -24.82 8.50 17.98
N VAL A 344 -26.01 9.09 18.03
CA VAL A 344 -26.21 10.37 18.71
C VAL A 344 -26.03 10.24 20.23
N HIS A 345 -26.45 9.13 20.81
CA HIS A 345 -26.28 8.92 22.25
C HIS A 345 -24.82 8.72 22.63
N CYS A 346 -23.99 8.39 21.64
CA CYS A 346 -22.57 8.21 21.87
C CYS A 346 -21.83 9.53 21.86
N GLY A 347 -22.52 10.58 21.41
CA GLY A 347 -21.97 11.92 21.42
C GLY A 347 -21.48 12.45 20.08
N ILE A 348 -22.10 12.04 18.96
CA ILE A 348 -21.58 12.45 17.66
C ILE A 348 -21.82 13.92 17.32
N ILE A 349 -22.85 14.52 17.90
CA ILE A 349 -23.28 15.86 17.47
C ILE A 349 -22.28 16.98 17.74
N GLU A 350 -21.75 17.04 18.96
CA GLU A 350 -20.84 18.13 19.32
C GLU A 350 -19.58 18.13 18.43
N PRO A 351 -18.85 17.01 18.32
CA PRO A 351 -17.66 17.09 17.46
C PRO A 351 -17.99 17.20 15.95
N LEU A 352 -19.18 16.79 15.55
CA LEU A 352 -19.64 17.01 14.18
C LEU A 352 -19.79 18.50 13.89
N MET A 353 -20.46 19.21 14.80
CA MET A 353 -20.66 20.66 14.68
C MET A 353 -19.33 21.44 14.69
N ASN A 354 -18.36 20.97 15.45
CA ASN A 354 -17.09 21.69 15.56
C ASN A 354 -16.30 21.66 14.27
N LEU A 355 -16.51 20.62 13.47
CA LEU A 355 -15.75 20.49 12.23
C LEU A 355 -16.38 21.31 11.12
N LEU A 356 -17.41 22.09 11.45
CA LEU A 356 -18.04 22.98 10.48
C LEU A 356 -17.28 24.29 10.35
N SER A 357 -16.36 24.54 11.28
CA SER A 357 -15.54 25.75 11.22
C SER A 357 -14.19 25.45 10.57
N ALA A 358 -14.11 24.33 9.85
CA ALA A 358 -12.90 23.99 9.10
C ALA A 358 -13.04 24.57 7.70
N LYS A 359 -11.96 25.14 7.19
CA LYS A 359 -12.04 25.86 5.92
C LYS A 359 -11.85 24.91 4.73
N ASP A 360 -11.99 23.61 4.99
CA ASP A 360 -12.02 22.60 3.94
C ASP A 360 -13.47 22.40 3.46
N THR A 361 -13.73 22.76 2.21
CA THR A 361 -15.09 22.81 1.69
C THR A 361 -15.76 21.44 1.68
N LYS A 362 -15.00 20.41 1.33
CA LYS A 362 -15.56 19.07 1.18
C LYS A 362 -16.00 18.44 2.52
N ILE A 363 -15.25 18.64 3.60
CA ILE A 363 -15.68 18.02 4.85
C ILE A 363 -17.01 18.63 5.30
N ILE A 364 -17.22 19.91 5.00
CA ILE A 364 -18.46 20.60 5.32
C ILE A 364 -19.66 19.94 4.63
N GLN A 365 -19.54 19.64 3.35
CA GLN A 365 -20.62 18.96 2.63
C GLN A 365 -20.92 17.61 3.25
N VAL A 366 -19.86 16.87 3.54
CA VAL A 366 -19.97 15.55 4.15
C VAL A 366 -20.72 15.61 5.50
N ILE A 367 -20.39 16.60 6.32
CA ILE A 367 -21.02 16.76 7.64
C ILE A 367 -22.49 17.18 7.52
N LEU A 368 -22.77 18.13 6.63
CA LEU A 368 -24.13 18.61 6.40
C LEU A 368 -25.00 17.50 5.85
N ASP A 369 -24.40 16.66 5.04
CA ASP A 369 -25.05 15.46 4.53
C ASP A 369 -25.42 14.52 5.69
N ALA A 370 -24.51 14.32 6.65
CA ALA A 370 -24.78 13.46 7.81
C ALA A 370 -25.85 14.05 8.71
N ILE A 371 -25.84 15.36 8.90
CA ILE A 371 -26.84 16.04 9.71
C ILE A 371 -28.22 15.82 9.11
N SER A 372 -28.33 15.97 7.79
CA SER A 372 -29.58 15.71 7.10
C SER A 372 -30.11 14.29 7.35
N ASN A 373 -29.23 13.29 7.25
CA ASN A 373 -29.61 11.91 7.51
C ASN A 373 -30.12 11.68 8.92
N ILE A 374 -29.47 12.32 9.90
CA ILE A 374 -29.87 12.18 11.29
C ILE A 374 -31.24 12.80 11.53
N PHE A 375 -31.49 13.97 10.93
CA PHE A 375 -32.80 14.60 11.02
C PHE A 375 -33.92 13.72 10.46
N GLN A 376 -33.66 13.07 9.32
CA GLN A 376 -34.63 12.14 8.75
C GLN A 376 -34.94 10.97 9.70
N ALA A 377 -33.94 10.52 10.43
CA ALA A 377 -34.19 9.48 11.44
C ALA A 377 -35.02 10.08 12.58
N ALA A 378 -34.71 11.32 12.93
CA ALA A 378 -35.45 12.05 13.97
C ALA A 378 -36.89 12.35 13.52
N GLU A 379 -37.08 12.58 12.22
CA GLU A 379 -38.42 12.83 11.66
C GLU A 379 -39.33 11.63 11.88
N LYS A 380 -38.77 10.42 11.77
CA LYS A 380 -39.52 9.18 12.01
C LYS A 380 -39.88 8.94 13.47
N LEU A 381 -39.27 9.69 14.38
CA LEU A 381 -39.54 9.51 15.82
C LEU A 381 -40.16 10.75 16.45
N GLY A 382 -40.22 11.84 15.69
CA GLY A 382 -40.62 13.12 16.20
C GLY A 382 -39.72 13.61 17.33
N GLU A 383 -38.40 13.53 17.15
CA GLU A 383 -37.42 14.10 18.11
C GLU A 383 -36.72 15.26 17.37
N THR A 384 -37.26 15.62 16.21
CA THR A 384 -36.72 16.75 15.42
C THR A 384 -36.36 17.98 16.26
N GLU A 385 -37.27 18.36 17.16
CA GLU A 385 -37.07 19.45 18.10
C GLU A 385 -35.85 19.23 19.01
N LYS A 386 -35.84 18.11 19.73
CA LYS A 386 -34.77 17.78 20.67
C LYS A 386 -33.42 17.80 19.96
N LEU A 387 -33.40 17.31 18.73
CA LEU A 387 -32.21 17.36 17.90
C LEU A 387 -31.80 18.80 17.61
N SER A 388 -32.75 19.63 17.18
CA SER A 388 -32.46 21.03 16.90
C SER A 388 -31.92 21.76 18.13
N ILE A 389 -32.54 21.50 19.28
CA ILE A 389 -32.12 22.10 20.56
C ILE A 389 -30.68 21.70 20.87
N MET A 390 -30.42 20.41 20.76
CA MET A 390 -29.12 19.84 21.04
C MET A 390 -28.06 20.38 20.09
N ILE A 391 -28.41 20.51 18.81
CA ILE A 391 -27.48 21.10 17.83
C ILE A 391 -27.19 22.56 18.20
N GLU A 392 -28.23 23.27 18.64
CA GLU A 392 -28.12 24.68 18.94
C GLU A 392 -27.30 24.94 20.23
N GLU A 393 -27.29 23.98 21.15
CA GLU A 393 -26.61 24.18 22.44
C GLU A 393 -25.09 24.06 22.39
N CYS A 394 -24.54 23.39 21.37
CA CYS A 394 -23.09 23.30 21.25
C CYS A 394 -22.57 24.33 20.24
N GLY A 395 -23.48 25.13 19.69
CA GLY A 395 -23.11 26.18 18.75
C GLY A 395 -23.28 25.76 17.30
N GLY A 396 -24.29 24.93 17.05
CA GLY A 396 -24.55 24.41 15.72
C GLY A 396 -25.10 25.43 14.73
N LEU A 397 -26.06 26.26 15.14
CA LEU A 397 -26.65 27.25 14.24
C LEU A 397 -25.69 28.36 13.87
N ASP A 398 -24.86 28.77 14.82
CA ASP A 398 -23.84 29.77 14.56
C ASP A 398 -22.96 29.32 13.40
N LYS A 399 -22.70 28.01 13.34
CA LYS A 399 -21.83 27.48 12.31
C LYS A 399 -22.63 27.17 11.05
N ILE A 400 -23.89 26.76 11.21
CA ILE A 400 -24.72 26.42 10.06
C ILE A 400 -25.22 27.66 9.30
N GLU A 401 -25.60 28.70 10.03
CA GLU A 401 -26.05 29.92 9.35
C GLU A 401 -24.86 30.65 8.73
N ALA A 402 -23.74 30.69 9.42
CA ALA A 402 -22.54 31.31 8.86
C ALA A 402 -22.12 30.65 7.55
N LEU A 403 -22.61 29.43 7.33
CA LEU A 403 -22.32 28.66 6.12
C LEU A 403 -23.23 29.06 4.97
N GLN A 404 -24.10 30.02 5.21
CA GLN A 404 -24.93 30.56 4.14
C GLN A 404 -24.16 31.63 3.39
N ARG A 405 -23.29 32.34 4.10
CA ARG A 405 -22.40 33.33 3.49
C ARG A 405 -21.24 32.62 2.75
N HIS A 406 -21.18 31.28 2.87
CA HIS A 406 -20.12 30.50 2.26
C HIS A 406 -20.18 30.54 0.74
N GLU A 407 -19.03 30.85 0.13
CA GLU A 407 -18.95 31.04 -1.30
C GLU A 407 -18.74 29.70 -2.01
N ASN A 408 -19.65 28.76 -1.73
CA ASN A 408 -19.76 27.51 -2.48
C ASN A 408 -21.23 27.11 -2.53
N GLU A 409 -21.68 26.69 -3.72
CA GLU A 409 -23.10 26.58 -4.01
C GLU A 409 -23.73 25.36 -3.35
N SER A 410 -23.08 24.22 -3.51
CA SER A 410 -23.59 22.96 -2.98
C SER A 410 -23.78 23.02 -1.45
N VAL A 411 -22.87 23.73 -0.80
CA VAL A 411 -22.92 23.97 0.64
C VAL A 411 -24.10 24.85 1.04
N TYR A 412 -24.23 25.99 0.37
CA TYR A 412 -25.27 26.97 0.67
C TYR A 412 -26.70 26.43 0.56
N LYS A 413 -27.00 25.74 -0.54
CA LYS A 413 -28.31 25.12 -0.73
C LYS A 413 -28.68 24.19 0.42
N ALA A 414 -27.79 23.25 0.71
CA ALA A 414 -28.01 22.27 1.76
C ALA A 414 -28.00 22.93 3.14
N SER A 415 -27.19 23.97 3.28
CA SER A 415 -27.16 24.76 4.51
C SER A 415 -28.51 25.43 4.78
N LEU A 416 -29.05 26.07 3.76
CA LEU A 416 -30.32 26.82 3.85
C LEU A 416 -31.52 25.90 3.98
N ASN A 417 -31.40 24.74 3.35
CA ASN A 417 -32.32 23.64 3.49
C ASN A 417 -32.59 23.35 4.99
N LEU A 418 -31.51 23.15 5.73
CA LEU A 418 -31.55 22.77 7.13
C LEU A 418 -32.16 23.85 7.98
N ILE A 419 -31.59 25.05 7.92
CA ILE A 419 -32.10 26.20 8.68
C ILE A 419 -33.61 26.35 8.45
N GLU A 420 -34.05 26.10 7.22
CA GLU A 420 -35.46 26.21 6.90
C GLU A 420 -36.27 25.07 7.55
N LYS A 421 -36.06 23.83 7.14
CA LYS A 421 -36.81 22.68 7.73
C LYS A 421 -36.79 22.42 9.24
N TYR A 422 -35.80 22.89 9.99
CA TYR A 422 -35.71 22.43 11.39
C TYR A 422 -35.41 23.57 12.37
N PHE A 423 -35.26 24.77 11.81
CA PHE A 423 -35.01 25.94 12.63
C PHE A 423 -35.82 27.17 12.17
N SER A 424 -37.15 27.03 12.12
CA SER A 424 -38.02 28.10 11.59
C SER A 424 -39.41 28.18 12.27
N VAL A 425 -40.04 29.36 12.17
CA VAL A 425 -41.33 29.68 12.81
C VAL A 425 -41.42 29.20 14.25
#